data_8GH8
#
_entry.id   8GH8
#
loop_
_entity.id
_entity.type
_entity.pdbx_description
1 polymer 'Holliday junction branch migration complex subunit RuvA'
2 polymer 'DNA (34-MER)'
3 polymer 'DNA (34-MER)'
#
loop_
_entity_poly.entity_id
_entity_poly.type
_entity_poly.pdbx_seq_one_letter_code
_entity_poly.pdbx_strand_id
1 'polypeptide(L)'
;MIRYLRGLVLKKEAGGFVLLAGGVGFFLQAPTPFLQALEEGKEVGVHTHLLLKEEGLSLYGFPDEENLALFELLLSVSGV
GPKVALALLSALPPRLLARALLEGDARLLTSASGVGRRLAERIALELKGKVPPHLLAGEK
;
A,B,C,D
2 'polydeoxyribonucleotide'
;(DA)(DT)(DA)(DA)(DC)(DT)(DT)(DC)(DG)(DT)(DA)(DT)(DA)(DG)(DC)(DA)(DT)(DA)(DC)(DA)
(DT)(DT)(DA)(DT)(DA)(DC)(DG)(DA)(DA)(DC)(DT)(DT)(DA)(DT)
;
E,G
3 'polydeoxyribonucleotide'
;(DA)(DT)(DA)(DA)(DG)(DT)(DT)(DC)(DG)(DT)(DA)(DT)(DA)(DA)(DT)(DG)(DT)(DA)(DT)(DG)
(DC)(DT)(DA)(DT)(DA)(DC)(DG)(DA)(DA)(DG)(DT)(DT)(DA)(DT)
;
F,H
#
loop_
_chem_comp.id
_chem_comp.type
_chem_comp.name
_chem_comp.formula
DA DNA linking 2'-DEOXYADENOSINE-5'-MONOPHOSPHATE 'C10 H14 N5 O6 P'
DC DNA linking 2'-DEOXYCYTIDINE-5'-MONOPHOSPHATE 'C9 H14 N3 O7 P'
DG DNA linking 2'-DEOXYGUANOSINE-5'-MONOPHOSPHATE 'C10 H14 N5 O7 P'
DT DNA linking THYMIDINE-5'-MONOPHOSPHATE 'C10 H15 N2 O8 P'
#
# COMPACT_ATOMS: atom_id res chain seq x y z
N MET A 1 -1.90 -7.52 -7.75
CA MET A 1 -2.82 -7.34 -6.62
C MET A 1 -3.93 -6.37 -6.97
N ILE A 2 -3.55 -5.29 -7.65
CA ILE A 2 -4.48 -4.25 -8.06
C ILE A 2 -4.81 -4.47 -9.53
N ARG A 3 -6.10 -4.55 -9.85
CA ARG A 3 -6.53 -4.79 -11.22
C ARG A 3 -7.47 -3.72 -11.74
N TYR A 4 -8.49 -3.34 -10.98
CA TYR A 4 -9.57 -2.49 -11.46
C TYR A 4 -9.66 -1.24 -10.59
N LEU A 5 -8.85 -0.22 -10.91
CA LEU A 5 -8.90 1.03 -10.17
C LEU A 5 -10.16 1.81 -10.48
N ARG A 6 -10.65 2.51 -9.46
CA ARG A 6 -11.70 3.50 -9.62
C ARG A 6 -11.40 4.68 -8.72
N GLY A 7 -11.75 5.87 -9.18
CA GLY A 7 -11.44 7.07 -8.42
C GLY A 7 -11.73 8.32 -9.23
N LEU A 8 -11.09 9.41 -8.81
CA LEU A 8 -11.33 10.73 -9.39
C LEU A 8 -10.17 11.11 -10.31
N VAL A 9 -10.49 11.56 -11.51
CA VAL A 9 -9.51 12.04 -12.48
C VAL A 9 -9.99 13.36 -13.05
N LEU A 10 -9.09 14.35 -13.10
CA LEU A 10 -9.43 15.65 -13.64
C LEU A 10 -8.32 16.29 -14.47
N LYS A 11 -7.21 15.59 -14.71
CA LYS A 11 -6.03 16.18 -15.33
C LYS A 11 -5.61 15.36 -16.54
N LYS A 12 -5.02 16.05 -17.51
CA LYS A 12 -4.45 15.42 -18.70
C LYS A 12 -3.00 15.89 -18.84
N GLU A 13 -2.08 14.94 -18.99
CA GLU A 13 -0.68 15.24 -19.16
C GLU A 13 -0.13 14.45 -20.34
N ALA A 14 0.91 14.99 -20.97
CA ALA A 14 1.50 14.35 -22.13
C ALA A 14 2.09 12.99 -21.80
N GLY A 15 2.50 12.76 -20.55
CA GLY A 15 3.02 11.47 -20.15
C GLY A 15 1.98 10.58 -19.51
N GLY A 16 0.84 11.17 -19.13
CA GLY A 16 -0.21 10.41 -18.47
C GLY A 16 -1.22 11.26 -17.75
N PHE A 17 -1.62 10.83 -16.56
CA PHE A 17 -2.61 11.55 -15.75
C PHE A 17 -2.49 11.06 -14.31
N VAL A 18 -3.40 11.50 -13.45
CA VAL A 18 -3.44 11.06 -12.07
C VAL A 18 -4.84 10.57 -11.74
N LEU A 19 -4.92 9.70 -10.74
CA LEU A 19 -6.19 9.13 -10.31
C LEU A 19 -6.31 9.23 -8.80
N LEU A 20 -7.41 9.80 -8.32
CA LEU A 20 -7.66 10.04 -6.91
C LEU A 20 -8.77 9.12 -6.43
N ALA A 21 -8.43 8.17 -5.57
CA ALA A 21 -9.40 7.26 -4.97
C ALA A 21 -9.63 7.55 -3.49
N GLY A 22 -9.44 8.80 -3.07
CA GLY A 22 -9.54 9.13 -1.67
C GLY A 22 -8.25 8.84 -0.92
N GLY A 23 -7.76 9.80 -0.16
CA GLY A 23 -6.51 9.64 0.55
C GLY A 23 -5.28 9.88 -0.30
N VAL A 24 -4.99 8.95 -1.21
CA VAL A 24 -3.81 9.06 -2.08
C VAL A 24 -4.26 9.38 -3.49
N GLY A 25 -3.29 9.69 -4.33
CA GLY A 25 -3.55 9.90 -5.74
C GLY A 25 -2.64 9.05 -6.61
N PHE A 26 -3.24 8.12 -7.35
CA PHE A 26 -2.45 7.20 -8.14
C PHE A 26 -2.06 7.83 -9.46
N PHE A 27 -0.83 7.56 -9.90
CA PHE A 27 -0.30 8.10 -11.15
C PHE A 27 -0.40 7.02 -12.22
N LEU A 28 -1.16 7.29 -13.27
CA LEU A 28 -1.48 6.31 -14.30
C LEU A 28 -1.10 6.82 -15.68
N GLN A 29 -0.50 5.95 -16.48
CA GLN A 29 -0.02 6.29 -17.82
C GLN A 29 -0.78 5.43 -18.83
N ALA A 30 -1.85 5.98 -19.38
CA ALA A 30 -2.70 5.29 -20.35
C ALA A 30 -2.00 5.18 -21.69
N PRO A 31 -2.45 4.29 -22.57
CA PRO A 31 -1.85 4.19 -23.90
C PRO A 31 -2.22 5.38 -24.76
N THR A 32 -1.47 5.57 -25.84
CA THR A 32 -1.51 6.83 -26.58
C THR A 32 -2.88 7.17 -27.15
N PRO A 33 -3.58 6.27 -27.87
CA PRO A 33 -4.88 6.70 -28.44
C PRO A 33 -5.96 6.93 -27.40
N PHE A 34 -5.86 6.27 -26.24
CA PHE A 34 -6.89 6.33 -25.20
C PHE A 34 -6.99 7.73 -24.61
N LEU A 35 -5.91 8.18 -23.96
CA LEU A 35 -5.94 9.43 -23.23
C LEU A 35 -6.07 10.64 -24.14
N GLN A 36 -5.69 10.51 -25.41
CA GLN A 36 -5.77 11.64 -26.33
C GLN A 36 -7.20 12.13 -26.50
N ALA A 37 -8.19 11.30 -26.20
CA ALA A 37 -9.59 11.69 -26.30
C ALA A 37 -10.37 11.48 -25.01
N LEU A 38 -10.11 10.41 -24.27
CA LEU A 38 -10.88 10.06 -23.08
C LEU A 38 -10.11 10.48 -21.83
N GLU A 39 -10.56 11.54 -21.19
CA GLU A 39 -9.90 12.07 -19.99
C GLU A 39 -10.80 12.07 -18.76
N GLU A 40 -12.00 12.65 -18.86
CA GLU A 40 -12.77 12.99 -17.67
C GLU A 40 -14.25 12.79 -17.99
N GLY A 41 -15.07 12.81 -16.94
CA GLY A 41 -16.51 12.75 -17.08
C GLY A 41 -17.21 11.98 -15.97
N LYS A 42 -16.48 11.12 -15.29
CA LYS A 42 -17.01 10.31 -14.19
C LYS A 42 -15.85 9.60 -13.53
N GLU A 43 -16.16 8.71 -12.58
CA GLU A 43 -15.15 7.82 -11.98
C GLU A 43 -14.87 6.71 -12.99
N VAL A 44 -13.98 7.00 -13.93
CA VAL A 44 -13.71 6.14 -15.08
C VAL A 44 -13.26 4.75 -14.64
N GLY A 45 -13.68 3.74 -15.40
CA GLY A 45 -13.32 2.36 -15.13
C GLY A 45 -11.96 1.99 -15.71
N VAL A 46 -10.94 2.74 -15.33
CA VAL A 46 -9.60 2.52 -15.85
C VAL A 46 -8.98 1.32 -15.17
N HIS A 47 -8.48 0.37 -15.96
CA HIS A 47 -7.91 -0.86 -15.43
C HIS A 47 -6.47 -0.61 -14.98
N THR A 48 -5.71 -1.66 -14.68
CA THR A 48 -4.45 -1.50 -13.97
C THR A 48 -3.47 -2.60 -14.37
N HIS A 49 -2.19 -2.26 -14.27
CA HIS A 49 -1.09 -3.23 -14.19
C HIS A 49 0.18 -2.55 -13.69
N LEU A 50 0.78 -3.09 -12.64
CA LEU A 50 1.94 -2.48 -12.01
C LEU A 50 3.23 -2.89 -12.73
N LEU A 51 4.30 -2.17 -12.45
CA LEU A 51 5.61 -2.42 -13.06
C LEU A 51 6.70 -2.27 -12.02
N LEU A 52 7.82 -2.95 -12.25
CA LEU A 52 9.00 -2.87 -11.42
C LEU A 52 10.16 -2.32 -12.24
N LYS A 53 10.81 -1.28 -11.72
CA LYS A 53 11.95 -0.68 -12.40
C LYS A 53 12.86 -0.04 -11.36
N GLU A 54 14.12 0.17 -11.76
CA GLU A 54 15.11 0.76 -10.86
C GLU A 54 15.02 2.28 -10.78
N GLU A 55 14.41 2.94 -11.78
CA GLU A 55 14.39 4.39 -11.79
C GLU A 55 12.99 4.97 -11.92
N GLY A 56 11.95 4.20 -11.62
CA GLY A 56 10.60 4.72 -11.70
C GLY A 56 9.51 3.73 -11.36
N LEU A 57 8.53 4.17 -10.57
CA LEU A 57 7.37 3.37 -10.22
C LEU A 57 6.11 4.17 -10.46
N SER A 58 5.13 3.55 -11.08
CA SER A 58 3.87 4.20 -11.41
C SER A 58 2.86 3.13 -11.81
N LEU A 59 1.68 3.58 -12.22
CA LEU A 59 0.65 2.71 -12.76
C LEU A 59 0.47 3.00 -14.25
N TYR A 60 -0.24 2.10 -14.93
CA TYR A 60 -0.33 2.20 -16.38
C TYR A 60 -1.75 2.13 -16.92
N GLY A 61 -2.76 2.06 -16.06
CA GLY A 61 -4.11 2.48 -16.38
C GLY A 61 -4.66 2.24 -17.77
N PHE A 62 -4.75 0.98 -18.18
CA PHE A 62 -5.17 0.64 -19.53
C PHE A 62 -6.65 0.95 -19.73
N PRO A 63 -7.11 1.04 -20.98
CA PRO A 63 -8.48 1.52 -21.23
C PRO A 63 -9.53 0.62 -20.62
N ASP A 64 -10.72 1.18 -20.45
CA ASP A 64 -11.82 0.49 -19.79
C ASP A 64 -12.38 -0.62 -20.67
N GLU A 65 -13.46 -1.25 -20.18
CA GLU A 65 -14.17 -2.32 -20.88
C GLU A 65 -13.27 -3.53 -21.14
N GLU A 66 -12.40 -3.85 -20.20
CA GLU A 66 -11.57 -5.07 -20.22
C GLU A 66 -10.67 -5.10 -21.46
N ASN A 67 -9.78 -4.11 -21.53
CA ASN A 67 -8.75 -4.05 -22.56
C ASN A 67 -7.38 -4.46 -22.04
N LEU A 68 -7.32 -5.04 -20.84
CA LEU A 68 -6.04 -5.48 -20.28
C LEU A 68 -5.41 -6.60 -21.08
N ALA A 69 -6.18 -7.22 -21.97
CA ALA A 69 -5.60 -8.18 -22.90
C ALA A 69 -4.48 -7.54 -23.70
N LEU A 70 -4.57 -6.24 -23.95
CA LEU A 70 -3.52 -5.54 -24.68
C LEU A 70 -2.18 -5.63 -23.92
N PHE A 71 -2.19 -5.26 -22.64
CA PHE A 71 -0.97 -5.35 -21.84
C PHE A 71 -0.53 -6.80 -21.68
N GLU A 72 -1.48 -7.71 -21.49
CA GLU A 72 -1.11 -9.12 -21.32
C GLU A 72 -0.40 -9.65 -22.55
N LEU A 73 -0.90 -9.29 -23.73
CA LEU A 73 -0.25 -9.72 -24.97
C LEU A 73 1.10 -9.05 -25.16
N LEU A 74 1.20 -7.76 -24.84
CA LEU A 74 2.39 -7.00 -25.18
C LEU A 74 3.44 -6.98 -24.07
N LEU A 75 3.18 -7.60 -22.93
CA LEU A 75 4.14 -7.56 -21.82
C LEU A 75 5.16 -8.68 -21.92
N SER A 76 6.39 -8.35 -21.54
CA SER A 76 7.46 -9.32 -21.40
C SER A 76 8.15 -9.09 -20.05
N VAL A 77 8.82 -10.13 -19.55
CA VAL A 77 9.46 -10.03 -18.24
C VAL A 77 10.59 -9.00 -18.27
N SER A 78 11.20 -8.80 -19.44
CA SER A 78 12.27 -7.82 -19.61
C SER A 78 11.78 -6.50 -20.17
N GLY A 79 10.48 -6.35 -20.40
CA GLY A 79 9.94 -5.13 -20.95
C GLY A 79 9.77 -4.03 -19.91
N VAL A 80 9.60 -2.81 -20.42
CA VAL A 80 9.42 -1.62 -19.60
C VAL A 80 8.20 -0.85 -20.11
N GLY A 81 7.32 -0.45 -19.20
CA GLY A 81 6.04 0.13 -19.56
C GLY A 81 6.10 1.34 -20.47
N PRO A 82 6.91 2.35 -20.12
CA PRO A 82 7.04 3.52 -21.01
C PRO A 82 7.62 3.20 -22.37
N LYS A 83 8.25 2.04 -22.55
CA LYS A 83 8.81 1.66 -23.83
C LYS A 83 8.20 0.40 -24.43
N VAL A 84 7.39 -0.32 -23.66
CA VAL A 84 6.73 -1.54 -24.15
C VAL A 84 5.26 -1.48 -23.75
N ALA A 85 4.37 -1.83 -24.67
CA ALA A 85 2.93 -1.91 -24.48
C ALA A 85 2.27 -0.54 -24.34
N LEU A 86 3.08 0.51 -24.29
CA LEU A 86 2.59 1.88 -24.36
C LEU A 86 3.11 2.64 -25.57
N ALA A 87 4.25 2.24 -26.12
CA ALA A 87 4.79 2.84 -27.34
C ALA A 87 4.53 1.96 -28.56
N LEU A 88 3.68 0.94 -28.44
CA LEU A 88 3.38 0.04 -29.53
C LEU A 88 1.97 0.24 -30.09
N LEU A 89 1.38 1.42 -29.86
CA LEU A 89 0.11 1.77 -30.46
C LEU A 89 0.17 2.97 -31.38
N SER A 90 1.31 3.66 -31.47
CA SER A 90 1.46 4.72 -32.44
C SER A 90 1.45 4.14 -33.86
N ALA A 91 1.03 4.97 -34.82
CA ALA A 91 0.83 4.59 -36.22
C ALA A 91 -0.28 3.58 -36.40
N LEU A 92 -1.08 3.32 -35.35
CA LEU A 92 -2.23 2.45 -35.40
C LEU A 92 -3.18 2.89 -34.29
N PRO A 93 -3.88 4.01 -34.45
CA PRO A 93 -4.86 4.46 -33.44
C PRO A 93 -6.27 4.03 -33.78
N PRO A 94 -6.70 2.82 -33.45
CA PRO A 94 -8.13 2.49 -33.61
C PRO A 94 -8.95 3.30 -32.62
N ARG A 95 -9.89 4.08 -33.14
CA ARG A 95 -10.63 5.02 -32.28
C ARG A 95 -11.43 4.27 -31.22
N LEU A 96 -12.08 3.17 -31.59
CA LEU A 96 -12.81 2.35 -30.65
C LEU A 96 -12.56 0.88 -30.97
N LEU A 97 -12.03 0.14 -29.99
CA LEU A 97 -11.66 -1.25 -30.24
C LEU A 97 -12.89 -2.10 -30.50
N ALA A 98 -14.01 -1.82 -29.83
CA ALA A 98 -15.24 -2.56 -30.09
C ALA A 98 -15.68 -2.38 -31.54
N ARG A 99 -15.63 -1.14 -32.04
CA ARG A 99 -15.97 -0.89 -33.44
C ARG A 99 -15.01 -1.61 -34.38
N ALA A 100 -13.71 -1.57 -34.06
CA ALA A 100 -12.72 -2.18 -34.96
C ALA A 100 -12.70 -3.70 -34.86
N LEU A 101 -13.33 -4.29 -33.83
CA LEU A 101 -13.36 -5.73 -33.65
C LEU A 101 -14.67 -6.38 -34.11
N LEU A 102 -15.82 -5.75 -33.87
CA LEU A 102 -17.11 -6.37 -34.15
C LEU A 102 -17.17 -6.85 -35.59
N GLU A 103 -17.28 -8.17 -35.75
CA GLU A 103 -17.27 -8.87 -37.03
C GLU A 103 -15.98 -8.65 -37.81
N GLY A 104 -14.94 -8.17 -37.15
CA GLY A 104 -13.66 -7.93 -37.81
C GLY A 104 -12.48 -8.32 -36.93
N ASP A 105 -12.72 -9.26 -36.00
CA ASP A 105 -11.66 -9.73 -35.12
C ASP A 105 -10.44 -10.20 -35.91
N ALA A 106 -10.66 -11.08 -36.89
CA ALA A 106 -9.55 -11.59 -37.69
C ALA A 106 -8.89 -10.48 -38.50
N ARG A 107 -9.70 -9.62 -39.11
CA ARG A 107 -9.16 -8.58 -39.98
C ARG A 107 -8.27 -7.62 -39.20
N LEU A 108 -8.80 -7.09 -38.09
CA LEU A 108 -8.08 -6.05 -37.35
C LEU A 108 -6.78 -6.58 -36.76
N LEU A 109 -6.80 -7.81 -36.26
CA LEU A 109 -5.63 -8.39 -35.61
C LEU A 109 -4.77 -9.21 -36.57
N THR A 110 -5.10 -9.24 -37.86
CA THR A 110 -4.28 -9.95 -38.83
C THR A 110 -3.70 -9.05 -39.90
N SER A 111 -4.52 -8.25 -40.58
CA SER A 111 -4.09 -7.50 -41.76
C SER A 111 -3.83 -6.03 -41.47
N ALA A 112 -3.77 -5.63 -40.20
CA ALA A 112 -3.55 -4.23 -39.87
C ALA A 112 -2.08 -3.85 -40.09
N SER A 113 -1.78 -2.59 -39.83
CA SER A 113 -0.41 -2.10 -39.99
C SER A 113 0.50 -2.74 -38.95
N GLY A 114 1.75 -2.92 -39.32
CA GLY A 114 2.73 -3.53 -38.45
C GLY A 114 2.96 -4.99 -38.79
N VAL A 115 4.17 -5.46 -38.47
CA VAL A 115 4.58 -6.82 -38.77
C VAL A 115 5.15 -7.55 -37.56
N GLY A 116 5.08 -6.94 -36.37
CA GLY A 116 5.72 -7.52 -35.20
C GLY A 116 4.79 -8.07 -34.15
N ARG A 117 3.67 -7.38 -33.92
CA ARG A 117 2.78 -7.76 -32.81
C ARG A 117 1.96 -9.01 -33.12
N ARG A 118 1.75 -9.32 -34.40
CA ARG A 118 0.79 -10.35 -34.78
C ARG A 118 1.17 -11.72 -34.24
N LEU A 119 2.48 -12.03 -34.21
CA LEU A 119 2.96 -13.33 -33.78
C LEU A 119 2.40 -13.72 -32.41
N ALA A 120 2.36 -12.75 -31.49
CA ALA A 120 1.77 -13.00 -30.18
C ALA A 120 0.29 -12.67 -30.13
N GLU A 121 -0.14 -11.62 -30.83
CA GLU A 121 -1.53 -11.19 -30.77
C GLU A 121 -2.49 -12.17 -31.41
N ARG A 122 -1.99 -13.19 -32.13
CA ARG A 122 -2.92 -14.13 -32.73
C ARG A 122 -3.81 -14.81 -31.70
N ILE A 123 -3.38 -14.86 -30.43
CA ILE A 123 -4.22 -15.41 -29.37
C ILE A 123 -5.46 -14.55 -29.12
N ALA A 124 -5.34 -13.22 -29.26
CA ALA A 124 -6.37 -12.29 -28.83
C ALA A 124 -7.66 -12.35 -29.66
N LEU A 125 -7.78 -13.31 -30.58
CA LEU A 125 -8.99 -13.40 -31.39
C LEU A 125 -10.22 -13.65 -30.54
N GLU A 126 -10.10 -14.55 -29.56
CA GLU A 126 -11.24 -14.96 -28.75
C GLU A 126 -11.42 -14.14 -27.48
N LEU A 127 -10.51 -13.21 -27.19
CA LEU A 127 -10.51 -12.55 -25.90
C LEU A 127 -11.68 -11.57 -25.76
N LYS A 128 -11.96 -10.79 -26.80
CA LYS A 128 -12.95 -9.72 -26.72
C LYS A 128 -14.30 -10.08 -27.32
N GLY A 129 -14.34 -11.01 -28.28
CA GLY A 129 -15.58 -11.35 -28.93
C GLY A 129 -16.52 -12.17 -28.05
N LYS A 130 -16.86 -11.63 -26.89
CA LYS A 130 -17.75 -12.31 -25.94
C LYS A 130 -19.17 -11.78 -26.01
N VAL A 131 -19.36 -10.49 -25.78
CA VAL A 131 -20.68 -9.86 -25.79
C VAL A 131 -20.58 -8.52 -26.49
N PRO A 132 -21.69 -8.08 -27.10
CA PRO A 132 -21.70 -6.73 -27.72
C PRO A 132 -21.60 -5.65 -26.67
N PRO A 133 -20.52 -4.88 -26.67
CA PRO A 133 -20.32 -3.86 -25.64
C PRO A 133 -20.89 -2.51 -26.04
N HIS A 134 -21.00 -1.64 -25.04
CA HIS A 134 -21.50 -0.28 -25.23
C HIS A 134 -20.33 0.69 -25.39
N LEU A 135 -19.64 0.54 -26.53
CA LEU A 135 -18.49 1.38 -26.83
C LEU A 135 -18.69 2.11 -28.14
N LEU A 136 -19.86 2.70 -28.33
CA LEU A 136 -20.17 3.38 -29.59
C LEU A 136 -19.48 4.74 -29.70
N ALA A 137 -18.97 5.29 -28.60
CA ALA A 137 -18.34 6.60 -28.62
C ALA A 137 -17.31 6.67 -27.50
N GLY A 138 -16.74 7.85 -27.32
CA GLY A 138 -15.75 8.12 -26.30
C GLY A 138 -16.33 8.86 -25.11
N GLU A 139 -15.50 9.65 -24.44
CA GLU A 139 -15.93 10.39 -23.27
C GLU A 139 -14.99 11.58 -23.05
N LYS A 140 -15.55 12.70 -22.63
CA LYS A 140 -14.78 13.87 -22.27
C LYS A 140 -15.54 14.73 -21.28
N MET B 1 1.15 -8.58 6.69
CA MET B 1 0.58 -7.32 7.18
C MET B 1 -0.93 -7.30 6.98
N ILE B 2 -1.35 -7.65 5.77
CA ILE B 2 -2.76 -7.70 5.44
C ILE B 2 -3.30 -9.08 5.78
N ARG B 3 -4.51 -9.12 6.34
CA ARG B 3 -5.15 -10.38 6.71
C ARG B 3 -6.64 -10.15 6.86
N TYR B 4 -7.44 -11.12 6.41
CA TYR B 4 -8.89 -11.13 6.57
C TYR B 4 -9.53 -9.91 5.90
N LEU B 5 -9.44 -9.90 4.56
CA LEU B 5 -10.28 -9.03 3.77
C LEU B 5 -11.72 -9.54 3.81
N ARG B 6 -12.64 -8.77 3.22
CA ARG B 6 -14.03 -9.21 3.17
C ARG B 6 -14.72 -8.50 2.01
N GLY B 7 -15.84 -9.08 1.59
CA GLY B 7 -16.65 -8.48 0.55
C GLY B 7 -17.37 -9.56 -0.24
N LEU B 8 -17.68 -9.22 -1.50
CA LEU B 8 -18.37 -10.11 -2.40
C LEU B 8 -17.68 -10.08 -3.77
N VAL B 9 -17.75 -11.21 -4.46
CA VAL B 9 -17.10 -11.37 -5.76
C VAL B 9 -18.15 -11.38 -6.86
N LEU B 10 -17.74 -10.96 -8.04
CA LEU B 10 -18.60 -11.00 -9.22
C LEU B 10 -17.99 -11.71 -10.42
N LYS B 11 -16.70 -12.07 -10.36
CA LYS B 11 -16.00 -12.67 -11.48
C LYS B 11 -15.32 -13.96 -11.05
N LYS B 12 -15.28 -14.92 -11.96
CA LYS B 12 -14.60 -16.19 -11.76
C LYS B 12 -13.58 -16.40 -12.86
N GLU B 13 -12.35 -16.74 -12.48
CA GLU B 13 -11.30 -17.01 -13.44
C GLU B 13 -10.62 -18.33 -13.06
N ALA B 14 -10.08 -19.02 -14.06
CA ALA B 14 -9.45 -20.31 -13.82
C ALA B 14 -8.20 -20.17 -12.95
N GLY B 15 -7.55 -19.02 -12.99
CA GLY B 15 -6.38 -18.79 -12.15
C GLY B 15 -6.72 -18.15 -10.82
N GLY B 16 -7.84 -17.44 -10.76
CA GLY B 16 -8.25 -16.77 -9.54
C GLY B 16 -9.52 -15.95 -9.69
N PHE B 17 -9.53 -14.76 -9.10
CA PHE B 17 -10.68 -13.85 -9.13
C PHE B 17 -10.20 -12.49 -8.61
N VAL B 18 -11.14 -11.56 -8.47
CA VAL B 18 -10.86 -10.26 -7.87
C VAL B 18 -11.94 -9.97 -6.83
N LEU B 19 -11.58 -9.15 -5.84
CA LEU B 19 -12.48 -8.82 -4.74
C LEU B 19 -13.02 -7.40 -4.92
N LEU B 20 -14.34 -7.26 -4.80
CA LEU B 20 -14.97 -5.95 -4.91
C LEU B 20 -14.78 -5.17 -3.61
N ALA B 21 -14.12 -4.03 -3.69
CA ALA B 21 -13.86 -3.20 -2.52
C ALA B 21 -13.61 -1.78 -2.96
N GLY B 22 -13.70 -0.86 -2.00
CA GLY B 22 -13.42 0.54 -2.29
C GLY B 22 -11.93 0.75 -2.57
N GLY B 23 -11.65 1.69 -3.46
CA GLY B 23 -10.28 2.00 -3.83
C GLY B 23 -9.77 1.10 -4.95
N VAL B 24 -8.71 0.34 -4.66
CA VAL B 24 -8.10 -0.54 -5.65
C VAL B 24 -8.99 -1.75 -5.87
N GLY B 25 -8.70 -2.52 -6.91
CA GLY B 25 -9.36 -3.78 -7.15
C GLY B 25 -8.45 -4.92 -6.74
N PHE B 26 -8.79 -5.58 -5.65
CA PHE B 26 -7.91 -6.58 -5.05
C PHE B 26 -7.96 -7.88 -5.84
N PHE B 27 -6.77 -8.43 -6.11
CA PHE B 27 -6.63 -9.69 -6.84
C PHE B 27 -6.36 -10.82 -5.86
N LEU B 28 -6.97 -11.98 -6.09
CA LEU B 28 -6.94 -13.08 -5.13
C LEU B 28 -6.86 -14.42 -5.85
N GLN B 29 -5.84 -15.20 -5.53
CA GLN B 29 -5.69 -16.57 -6.02
C GLN B 29 -6.03 -17.53 -4.88
N ALA B 30 -6.95 -18.44 -5.14
CA ALA B 30 -7.54 -19.28 -4.11
C ALA B 30 -7.59 -20.72 -4.58
N PRO B 31 -7.67 -21.69 -3.67
CA PRO B 31 -7.73 -23.10 -4.08
C PRO B 31 -9.00 -23.41 -4.86
N THR B 32 -8.88 -24.38 -5.77
CA THR B 32 -9.90 -24.60 -6.79
C THR B 32 -11.27 -24.95 -6.22
N PRO B 33 -11.42 -25.96 -5.35
CA PRO B 33 -12.75 -26.24 -4.81
C PRO B 33 -13.33 -25.08 -4.02
N PHE B 34 -12.46 -24.27 -3.40
CA PHE B 34 -12.94 -23.11 -2.65
C PHE B 34 -13.66 -22.13 -3.56
N LEU B 35 -13.08 -21.83 -4.72
CA LEU B 35 -13.64 -20.81 -5.58
C LEU B 35 -14.97 -21.26 -6.18
N GLN B 36 -15.08 -22.55 -6.50
CA GLN B 36 -16.33 -23.06 -7.05
C GLN B 36 -17.47 -22.91 -6.05
N ALA B 37 -17.21 -23.20 -4.77
CA ALA B 37 -18.23 -23.05 -3.75
C ALA B 37 -18.42 -21.60 -3.36
N LEU B 38 -17.46 -20.74 -3.67
CA LEU B 38 -17.51 -19.33 -3.31
C LEU B 38 -17.88 -18.52 -4.55
N GLU B 39 -19.17 -18.47 -4.84
CA GLU B 39 -19.69 -17.68 -5.94
C GLU B 39 -20.08 -16.28 -5.43
N GLU B 40 -20.81 -15.53 -6.25
CA GLU B 40 -21.30 -14.23 -5.82
C GLU B 40 -22.22 -14.34 -4.62
N GLY B 41 -22.94 -15.45 -4.50
CA GLY B 41 -23.88 -15.65 -3.42
C GLY B 41 -23.28 -16.05 -2.09
N LYS B 42 -21.95 -16.21 -2.03
CA LYS B 42 -21.26 -16.55 -0.80
C LYS B 42 -20.22 -15.49 -0.49
N GLU B 43 -20.13 -15.11 0.78
CA GLU B 43 -19.21 -14.07 1.21
C GLU B 43 -17.79 -14.59 1.22
N VAL B 44 -16.86 -13.75 0.77
CA VAL B 44 -15.48 -14.17 0.50
C VAL B 44 -14.61 -13.67 1.66
N GLY B 45 -14.38 -14.54 2.63
CA GLY B 45 -13.52 -14.25 3.76
C GLY B 45 -12.07 -14.70 3.56
N VAL B 46 -11.34 -14.03 2.68
CA VAL B 46 -9.99 -14.47 2.34
C VAL B 46 -9.03 -14.14 3.46
N HIS B 47 -8.31 -15.16 3.94
CA HIS B 47 -7.26 -14.98 4.95
C HIS B 47 -5.90 -14.94 4.26
N THR B 48 -5.64 -13.82 3.60
CA THR B 48 -4.42 -13.71 2.80
C THR B 48 -3.18 -13.83 3.66
N HIS B 49 -2.06 -14.14 3.00
CA HIS B 49 -0.74 -13.99 3.58
C HIS B 49 0.24 -13.26 2.66
N LEU B 50 -0.15 -12.99 1.41
CA LEU B 50 0.60 -12.14 0.50
C LEU B 50 2.02 -12.68 0.26
N LEU B 51 2.08 -13.86 -0.36
CA LEU B 51 3.34 -14.45 -0.74
C LEU B 51 3.90 -13.70 -1.96
N LEU B 52 4.92 -12.89 -1.74
CA LEU B 52 5.43 -11.96 -2.75
C LEU B 52 6.73 -12.49 -3.33
N LYS B 53 6.82 -12.46 -4.67
CA LYS B 53 8.04 -12.84 -5.38
C LYS B 53 8.10 -11.99 -6.66
N GLU B 54 8.79 -10.86 -6.58
CA GLU B 54 9.00 -9.95 -7.70
C GLU B 54 7.69 -9.61 -8.40
N GLU B 55 7.49 -10.16 -9.60
CA GLU B 55 6.26 -9.90 -10.35
C GLU B 55 5.04 -10.51 -9.66
N GLY B 56 5.21 -11.63 -8.96
CA GLY B 56 4.10 -12.28 -8.29
C GLY B 56 3.63 -11.55 -7.06
N LEU B 57 3.21 -10.30 -7.22
CA LEU B 57 2.69 -9.48 -6.14
C LEU B 57 1.17 -9.60 -6.19
N SER B 58 0.61 -10.51 -5.40
CA SER B 58 -0.82 -10.75 -5.39
C SER B 58 -1.22 -11.33 -4.04
N LEU B 59 -2.46 -11.04 -3.65
CA LEU B 59 -3.00 -11.64 -2.43
C LEU B 59 -3.37 -13.10 -2.68
N TYR B 60 -3.98 -13.71 -1.67
CA TYR B 60 -4.42 -15.10 -1.74
C TYR B 60 -5.69 -15.26 -0.92
N GLY B 61 -6.37 -16.38 -1.14
CA GLY B 61 -7.60 -16.68 -0.45
C GLY B 61 -7.57 -18.06 0.17
N PHE B 62 -8.50 -18.28 1.11
CA PHE B 62 -8.66 -19.55 1.78
C PHE B 62 -10.09 -19.62 2.31
N PRO B 63 -10.58 -20.82 2.61
CA PRO B 63 -11.92 -20.93 3.21
C PRO B 63 -12.01 -20.12 4.50
N ASP B 64 -13.15 -19.50 4.72
CA ASP B 64 -13.33 -18.62 5.86
C ASP B 64 -13.11 -19.39 7.16
N GLU B 65 -12.34 -18.78 8.07
CA GLU B 65 -12.02 -19.32 9.39
C GLU B 65 -11.64 -20.80 9.35
N GLU B 66 -10.91 -21.19 8.31
CA GLU B 66 -10.49 -22.58 8.16
C GLU B 66 -9.35 -22.67 7.15
N ASN B 67 -8.61 -23.77 7.23
CA ASN B 67 -7.58 -24.17 6.28
C ASN B 67 -6.44 -23.16 6.18
N LEU B 68 -6.37 -22.20 7.10
CA LEU B 68 -5.29 -21.24 7.06
C LEU B 68 -3.98 -21.91 7.46
N ALA B 69 -2.87 -21.23 7.14
CA ALA B 69 -1.52 -21.69 7.44
C ALA B 69 -1.16 -22.91 6.62
N LEU B 70 -1.69 -23.00 5.40
CA LEU B 70 -1.18 -23.99 4.45
C LEU B 70 0.25 -23.67 4.02
N PHE B 71 0.72 -22.46 4.29
CA PHE B 71 2.12 -22.15 4.02
C PHE B 71 3.05 -23.07 4.80
N GLU B 72 2.63 -23.52 5.99
CA GLU B 72 3.44 -24.48 6.74
C GLU B 72 3.64 -25.78 5.98
N LEU B 73 2.76 -26.10 5.04
CA LEU B 73 2.94 -27.26 4.17
C LEU B 73 3.64 -26.89 2.87
N LEU B 74 3.35 -25.72 2.32
CA LEU B 74 3.82 -25.35 0.99
C LEU B 74 5.06 -24.46 1.00
N LEU B 75 5.75 -24.35 2.12
CA LEU B 75 7.02 -23.64 2.15
C LEU B 75 8.00 -24.27 1.15
N SER B 76 8.62 -23.42 0.34
CA SER B 76 9.53 -23.89 -0.70
C SER B 76 10.58 -22.82 -0.96
N VAL B 77 11.65 -23.24 -1.66
CA VAL B 77 12.74 -22.32 -1.96
C VAL B 77 12.27 -21.20 -2.86
N SER B 78 11.51 -21.54 -3.90
CA SER B 78 11.03 -20.55 -4.85
C SER B 78 9.83 -21.12 -5.60
N GLY B 79 8.70 -20.42 -5.53
CA GLY B 79 7.51 -20.81 -6.25
C GLY B 79 7.54 -20.36 -7.70
N VAL B 80 7.75 -21.32 -8.61
CA VAL B 80 7.89 -20.97 -10.02
C VAL B 80 6.61 -20.37 -10.56
N GLY B 81 5.46 -20.96 -10.24
CA GLY B 81 4.20 -20.48 -10.74
C GLY B 81 3.08 -20.63 -9.73
N PRO B 82 1.92 -20.03 -10.03
CA PRO B 82 0.79 -20.13 -9.10
C PRO B 82 0.34 -21.56 -8.86
N LYS B 83 0.49 -22.45 -9.86
CA LYS B 83 0.07 -23.83 -9.70
C LYS B 83 0.80 -24.52 -8.55
N VAL B 84 1.98 -24.02 -8.16
CA VAL B 84 2.59 -24.39 -6.89
C VAL B 84 2.39 -23.32 -5.83
N ALA B 85 2.16 -22.07 -6.22
CA ALA B 85 1.99 -20.97 -5.27
C ALA B 85 0.53 -20.91 -4.83
N LEU B 86 0.15 -21.89 -4.01
CA LEU B 86 -1.09 -21.88 -3.25
C LEU B 86 -2.34 -22.08 -4.10
N ALA B 87 -2.18 -22.36 -5.39
CA ALA B 87 -3.33 -22.79 -6.19
C ALA B 87 -3.46 -24.31 -6.24
N LEU B 88 -3.37 -24.96 -5.08
CA LEU B 88 -3.52 -26.39 -4.92
C LEU B 88 -4.97 -26.72 -4.56
N LEU B 89 -5.18 -27.93 -3.99
CA LEU B 89 -6.52 -28.52 -3.62
C LEU B 89 -6.90 -29.58 -4.66
N SER B 90 -6.12 -29.72 -5.72
CA SER B 90 -6.48 -30.64 -6.82
C SER B 90 -6.09 -32.02 -6.26
N ALA B 91 -5.29 -32.06 -5.16
CA ALA B 91 -4.36 -33.17 -4.76
C ALA B 91 -4.62 -33.70 -3.32
N LEU B 92 -4.11 -33.07 -2.23
CA LEU B 92 -4.39 -33.42 -0.85
C LEU B 92 -5.82 -33.95 -0.72
N PRO B 93 -6.04 -34.95 0.15
CA PRO B 93 -7.28 -35.74 0.08
C PRO B 93 -8.54 -34.96 0.39
N PRO B 94 -8.65 -34.26 1.55
CA PRO B 94 -9.99 -33.87 2.01
C PRO B 94 -10.63 -32.79 1.16
N ARG B 95 -11.96 -32.71 1.20
CA ARG B 95 -12.69 -31.75 0.37
C ARG B 95 -13.94 -31.25 1.08
N LEU B 96 -14.31 -30.02 0.76
CA LEU B 96 -15.58 -29.36 1.10
C LEU B 96 -15.66 -28.97 2.57
N LEU B 97 -14.76 -29.46 3.41
CA LEU B 97 -14.56 -28.87 4.73
C LEU B 97 -13.12 -28.93 5.21
N ALA B 98 -12.21 -29.60 4.48
CA ALA B 98 -10.96 -30.10 5.05
C ALA B 98 -11.20 -30.94 6.29
N ARG B 99 -12.34 -31.63 6.34
CA ARG B 99 -12.69 -32.42 7.53
C ARG B 99 -11.80 -33.65 7.65
N ALA B 100 -11.43 -34.26 6.52
CA ALA B 100 -10.54 -35.42 6.53
C ALA B 100 -9.08 -35.01 6.58
N LEU B 101 -8.78 -33.72 6.61
CA LEU B 101 -7.39 -33.26 6.72
C LEU B 101 -6.76 -33.75 8.02
N LEU B 102 -7.56 -33.82 9.09
CA LEU B 102 -7.11 -34.36 10.36
C LEU B 102 -7.85 -35.62 10.74
N GLU B 103 -9.18 -35.57 10.79
CA GLU B 103 -10.02 -36.71 11.16
C GLU B 103 -9.58 -37.31 12.48
N GLY B 104 -9.27 -36.45 13.44
CA GLY B 104 -8.78 -36.91 14.73
C GLY B 104 -7.48 -37.67 14.64
N ASP B 105 -6.58 -37.24 13.74
CA ASP B 105 -5.28 -37.86 13.50
C ASP B 105 -5.40 -39.30 13.01
N ALA B 106 -6.58 -39.71 12.53
CA ALA B 106 -6.74 -41.08 12.05
C ALA B 106 -5.98 -41.29 10.75
N ARG B 107 -6.06 -40.35 9.83
CA ARG B 107 -5.38 -40.44 8.54
C ARG B 107 -4.52 -39.21 8.32
N LEU B 108 -3.34 -39.42 7.75
CA LEU B 108 -2.39 -38.35 7.47
C LEU B 108 -2.45 -37.97 6.00
N LEU B 109 -2.21 -36.69 5.72
CA LEU B 109 -2.34 -36.16 4.36
C LEU B 109 -1.12 -36.45 3.49
N THR B 110 -0.02 -36.96 4.05
CA THR B 110 1.23 -37.04 3.31
C THR B 110 1.22 -38.18 2.30
N SER B 111 0.64 -39.32 2.66
CA SER B 111 0.70 -40.51 1.83
C SER B 111 -0.51 -40.68 0.92
N ALA B 112 -1.47 -39.76 0.96
CA ALA B 112 -2.66 -39.86 0.13
C ALA B 112 -2.40 -39.49 -1.33
N SER B 113 -1.28 -38.86 -1.63
CA SER B 113 -0.96 -38.46 -2.99
C SER B 113 0.55 -38.45 -3.19
N GLY B 114 0.96 -38.52 -4.45
CA GLY B 114 2.37 -38.53 -4.79
C GLY B 114 3.03 -37.17 -4.88
N VAL B 115 2.28 -36.10 -4.67
CA VAL B 115 2.85 -34.75 -4.74
C VAL B 115 3.34 -34.27 -3.38
N GLY B 116 2.84 -34.83 -2.29
CA GLY B 116 3.24 -34.40 -0.96
C GLY B 116 4.58 -34.97 -0.53
N ARG B 117 5.00 -34.59 0.68
CA ARG B 117 6.25 -35.05 1.26
C ARG B 117 5.99 -35.49 2.69
N ARG B 118 6.85 -36.38 3.19
CA ARG B 118 6.66 -36.97 4.50
C ARG B 118 6.78 -35.94 5.61
N LEU B 119 5.65 -35.56 6.21
CA LEU B 119 5.60 -34.60 7.30
C LEU B 119 4.65 -35.09 8.40
N ALA B 120 4.74 -36.38 8.74
CA ALA B 120 3.82 -36.96 9.70
C ALA B 120 3.97 -36.32 11.07
N GLU B 121 5.20 -35.93 11.44
CA GLU B 121 5.44 -35.34 12.75
C GLU B 121 4.86 -33.94 12.88
N ARG B 122 4.42 -33.32 11.78
CA ARG B 122 3.88 -31.97 11.81
C ARG B 122 2.41 -31.88 11.40
N ILE B 123 1.85 -32.91 10.76
CA ILE B 123 0.46 -32.88 10.34
C ILE B 123 -0.46 -32.96 11.55
N ALA B 124 -0.11 -33.80 12.53
CA ALA B 124 -1.02 -34.09 13.63
C ALA B 124 -1.32 -32.85 14.47
N LEU B 125 -0.30 -32.02 14.72
CA LEU B 125 -0.46 -30.86 15.60
C LEU B 125 -1.34 -29.83 14.92
N GLU B 126 -2.61 -29.79 15.32
CA GLU B 126 -3.57 -28.86 14.74
C GLU B 126 -4.70 -28.66 15.74
N LEU B 127 -5.52 -27.63 15.48
CA LEU B 127 -6.64 -27.28 16.35
C LEU B 127 -7.68 -28.40 16.44
N LYS B 128 -7.52 -29.48 15.69
CA LYS B 128 -8.49 -30.57 15.71
C LYS B 128 -8.69 -31.12 17.12
N GLY B 129 -7.67 -31.05 17.97
CA GLY B 129 -7.82 -31.51 19.34
C GLY B 129 -8.89 -30.77 20.11
N LYS B 130 -9.17 -29.52 19.74
CA LYS B 130 -10.21 -28.74 20.37
C LYS B 130 -11.62 -29.16 19.93
N VAL B 131 -11.71 -30.03 18.92
CA VAL B 131 -12.99 -30.48 18.36
C VAL B 131 -13.79 -29.28 17.89
N PRO B 132 -13.40 -28.64 16.79
CA PRO B 132 -14.13 -27.47 16.29
C PRO B 132 -15.52 -27.86 15.82
N PRO B 133 -16.47 -26.94 15.85
CA PRO B 133 -17.86 -27.27 15.48
C PRO B 133 -18.07 -27.51 13.99
N HIS B 134 -17.00 -27.54 13.19
CA HIS B 134 -17.16 -27.78 11.77
C HIS B 134 -17.60 -29.22 11.52
N LEU B 135 -18.67 -29.38 10.73
CA LEU B 135 -19.20 -30.69 10.41
C LEU B 135 -19.70 -30.67 8.97
N LEU B 136 -20.05 -31.85 8.47
CA LEU B 136 -20.51 -31.97 7.08
C LEU B 136 -21.76 -31.13 6.86
N ALA B 137 -21.71 -30.28 5.85
CA ALA B 137 -22.79 -29.36 5.50
C ALA B 137 -22.52 -28.82 4.10
N GLY B 138 -23.29 -27.82 3.70
CA GLY B 138 -23.09 -27.17 2.43
C GLY B 138 -22.02 -26.10 2.40
N GLU B 139 -21.31 -25.91 3.51
CA GLU B 139 -20.25 -24.91 3.62
C GLU B 139 -19.15 -25.17 2.60
N MET C 1 6.67 6.38 7.44
CA MET C 1 5.69 6.07 6.42
C MET C 1 4.29 6.01 7.01
N ILE C 2 4.12 5.18 8.03
CA ILE C 2 2.84 4.98 8.70
C ILE C 2 3.01 5.32 10.17
N ARG C 3 2.08 6.13 10.69
CA ARG C 3 2.02 6.40 12.13
C ARG C 3 0.57 6.55 12.53
N TYR C 4 0.20 5.94 13.66
CA TYR C 4 -1.09 6.19 14.31
C TYR C 4 -2.27 5.71 13.46
N LEU C 5 -2.18 4.51 12.91
CA LEU C 5 -3.33 3.90 12.26
C LEU C 5 -4.31 3.42 13.32
N ARG C 6 -5.59 3.39 12.96
CA ARG C 6 -6.66 3.16 13.93
C ARG C 6 -7.36 1.83 13.70
N GLY C 7 -7.93 1.62 12.51
CA GLY C 7 -8.51 0.33 12.18
C GLY C 7 -9.67 -0.05 13.08
N LEU C 8 -9.83 -1.37 13.27
CA LEU C 8 -10.87 -1.94 14.11
C LEU C 8 -10.44 -3.36 14.47
N VAL C 9 -10.84 -3.82 15.66
CA VAL C 9 -10.43 -5.13 16.14
C VAL C 9 -11.39 -5.58 17.23
N LEU C 10 -11.61 -6.90 17.30
CA LEU C 10 -12.30 -7.52 18.42
C LEU C 10 -11.63 -8.83 18.83
N LYS C 11 -10.37 -9.05 18.44
CA LYS C 11 -9.70 -10.32 18.59
C LYS C 11 -8.35 -10.11 19.27
N LYS C 12 -7.94 -11.12 20.06
CA LYS C 12 -6.64 -11.14 20.70
C LYS C 12 -5.97 -12.49 20.45
N GLU C 13 -4.66 -12.46 20.20
CA GLU C 13 -3.87 -13.67 20.05
C GLU C 13 -2.70 -13.62 21.02
N ALA C 14 -2.21 -14.81 21.38
CA ALA C 14 -1.10 -14.89 22.33
C ALA C 14 0.16 -14.23 21.81
N GLY C 15 0.37 -14.27 20.49
CA GLY C 15 1.49 -13.60 19.87
C GLY C 15 1.06 -12.83 18.64
N GLY C 16 -0.18 -12.36 18.63
CA GLY C 16 -0.72 -11.67 17.47
C GLY C 16 -1.86 -10.75 17.84
N PHE C 17 -2.22 -9.90 16.87
CA PHE C 17 -3.24 -8.88 17.02
C PHE C 17 -3.42 -8.22 15.65
N VAL C 18 -4.66 -7.91 15.28
CA VAL C 18 -4.96 -7.45 13.93
C VAL C 18 -5.75 -6.15 14.00
N LEU C 19 -5.73 -5.40 12.89
CA LEU C 19 -6.53 -4.19 12.73
C LEU C 19 -7.31 -4.25 11.43
N LEU C 20 -8.59 -3.90 11.49
CA LEU C 20 -9.49 -4.00 10.35
C LEU C 20 -10.05 -2.63 9.99
N ALA C 21 -10.07 -2.34 8.68
CA ALA C 21 -10.74 -1.15 8.16
C ALA C 21 -12.05 -1.48 7.48
N GLY C 22 -12.43 -2.75 7.41
CA GLY C 22 -13.64 -3.16 6.75
C GLY C 22 -13.39 -3.92 5.47
N GLY C 23 -12.42 -3.45 4.68
CA GLY C 23 -12.05 -4.11 3.44
C GLY C 23 -10.68 -4.74 3.50
N VAL C 24 -9.76 -4.12 4.21
CA VAL C 24 -8.41 -4.64 4.40
C VAL C 24 -8.13 -4.74 5.90
N GLY C 25 -7.43 -5.79 6.29
CA GLY C 25 -7.14 -6.01 7.69
C GLY C 25 -5.66 -6.05 8.01
N PHE C 26 -5.19 -5.06 8.75
CA PHE C 26 -3.78 -4.97 9.12
C PHE C 26 -3.48 -5.90 10.29
N PHE C 27 -2.24 -6.38 10.34
CA PHE C 27 -1.78 -7.27 11.39
C PHE C 27 -0.63 -6.60 12.14
N LEU C 28 -0.81 -6.40 13.45
CA LEU C 28 0.14 -5.65 14.26
C LEU C 28 0.32 -6.32 15.61
N GLN C 29 1.56 -6.65 15.95
CA GLN C 29 1.87 -7.23 17.25
C GLN C 29 2.42 -6.15 18.18
N ALA C 30 1.77 -6.01 19.33
CA ALA C 30 2.06 -4.98 20.32
C ALA C 30 2.89 -5.55 21.47
N PRO C 31 3.49 -4.70 22.31
CA PRO C 31 4.27 -5.22 23.44
C PRO C 31 3.41 -6.03 24.39
N THR C 32 4.03 -7.07 24.97
CA THR C 32 3.29 -8.07 25.72
C THR C 32 2.49 -7.54 26.91
N PRO C 33 3.04 -6.66 27.80
CA PRO C 33 2.33 -6.34 29.04
C PRO C 33 0.90 -5.86 28.86
N PHE C 34 0.69 -4.85 28.03
CA PHE C 34 -0.61 -4.21 27.96
C PHE C 34 -1.62 -4.95 27.10
N LEU C 35 -1.22 -6.03 26.42
CA LEU C 35 -2.19 -6.80 25.64
C LEU C 35 -3.25 -7.45 26.51
N GLN C 36 -3.01 -7.60 27.81
CA GLN C 36 -4.04 -8.11 28.70
C GLN C 36 -5.24 -7.18 28.74
N ALA C 37 -5.04 -5.91 28.40
CA ALA C 37 -6.13 -4.95 28.25
C ALA C 37 -6.04 -4.32 26.86
N LEU C 38 -6.86 -3.29 26.62
CA LEU C 38 -6.86 -2.56 25.35
C LEU C 38 -7.01 -3.55 24.19
N GLU C 39 -8.19 -4.14 24.09
CA GLU C 39 -8.48 -5.09 23.03
C GLU C 39 -9.64 -4.64 22.15
N GLU C 40 -10.80 -4.35 22.73
CA GLU C 40 -12.00 -4.04 21.97
C GLU C 40 -12.20 -2.54 21.86
N GLY C 41 -12.62 -2.09 20.69
CA GLY C 41 -12.87 -0.69 20.46
C GLY C 41 -12.79 -0.37 18.98
N LYS C 42 -13.04 0.90 18.67
CA LYS C 42 -13.00 1.40 17.31
C LYS C 42 -11.62 1.95 16.93
N GLU C 43 -10.66 1.91 17.86
CA GLU C 43 -9.33 2.47 17.62
C GLU C 43 -8.39 1.90 18.68
N VAL C 44 -7.15 1.64 18.27
CA VAL C 44 -6.14 1.14 19.20
C VAL C 44 -4.94 2.09 19.20
N GLY C 45 -4.87 2.97 18.21
CA GLY C 45 -3.85 4.01 18.19
C GLY C 45 -2.43 3.49 18.24
N VAL C 46 -2.02 2.74 17.23
CA VAL C 46 -0.74 2.06 17.25
C VAL C 46 0.22 2.74 16.29
N HIS C 47 1.43 3.01 16.77
CA HIS C 47 2.53 3.48 15.93
C HIS C 47 3.14 2.30 15.19
N THR C 48 3.93 2.60 14.16
CA THR C 48 4.37 1.52 13.27
C THR C 48 5.84 1.65 12.92
N HIS C 49 6.39 0.54 12.46
CA HIS C 49 7.61 0.46 11.68
C HIS C 49 7.60 -0.92 11.02
N LEU C 50 8.38 -1.07 9.94
CA LEU C 50 8.31 -2.31 9.19
C LEU C 50 9.61 -2.57 8.45
N LEU C 51 9.81 -3.83 8.09
CA LEU C 51 10.92 -4.28 7.24
C LEU C 51 10.43 -4.40 5.81
N LEU C 52 11.34 -4.17 4.86
CA LEU C 52 10.97 -4.02 3.46
C LEU C 52 11.42 -5.16 2.55
N LYS C 53 12.34 -6.01 2.98
CA LYS C 53 12.99 -6.95 2.07
C LYS C 53 13.02 -8.36 2.64
N GLU C 54 13.04 -9.33 1.73
CA GLU C 54 13.17 -10.76 2.03
C GLU C 54 12.03 -11.26 2.91
N GLU C 55 10.81 -11.01 2.45
CA GLU C 55 9.59 -11.66 2.95
C GLU C 55 9.49 -11.58 4.47
N GLY C 56 9.39 -10.35 4.97
CA GLY C 56 9.29 -10.14 6.40
C GLY C 56 8.35 -9.02 6.77
N LEU C 57 7.44 -8.68 5.86
CA LEU C 57 6.55 -7.54 6.07
C LEU C 57 5.54 -7.86 7.17
N SER C 58 5.60 -7.07 8.24
CA SER C 58 4.61 -7.14 9.32
C SER C 58 4.72 -5.88 10.18
N LEU C 59 3.62 -5.16 10.32
CA LEU C 59 3.64 -3.94 11.12
C LEU C 59 3.91 -4.27 12.58
N TYR C 60 4.57 -3.34 13.27
CA TYR C 60 4.87 -3.49 14.68
C TYR C 60 3.74 -2.88 15.51
N GLY C 61 3.91 -2.83 16.82
CA GLY C 61 2.85 -2.32 17.66
C GLY C 61 3.40 -1.58 18.86
N PHE C 62 2.63 -0.61 19.32
CA PHE C 62 2.98 0.17 20.50
C PHE C 62 1.70 0.74 21.10
N PRO C 63 1.72 1.13 22.38
CA PRO C 63 0.47 1.48 23.06
C PRO C 63 -0.23 2.71 22.49
N ASP C 64 -1.36 3.06 23.09
CA ASP C 64 -2.15 4.19 22.63
C ASP C 64 -1.46 5.50 23.03
N GLU C 65 -2.15 6.61 22.81
CA GLU C 65 -1.60 7.95 22.99
C GLU C 65 -0.38 8.13 22.10
N GLU C 66 0.82 8.08 22.68
CA GLU C 66 2.05 8.15 21.89
C GLU C 66 3.19 7.57 22.70
N ASN C 67 3.84 6.53 22.16
CA ASN C 67 4.91 5.87 22.89
C ASN C 67 6.04 5.42 21.97
N LEU C 68 6.27 6.12 20.86
CA LEU C 68 7.45 5.84 20.05
C LEU C 68 8.74 6.21 20.77
N ALA C 69 8.66 6.93 21.90
CA ALA C 69 9.84 7.07 22.75
C ALA C 69 10.40 5.71 23.11
N LEU C 70 9.53 4.74 23.36
CA LEU C 70 9.98 3.39 23.66
C LEU C 70 10.76 2.79 22.50
N PHE C 71 10.22 2.92 21.27
CA PHE C 71 10.89 2.35 20.11
C PHE C 71 12.23 3.04 19.86
N GLU C 72 12.26 4.37 19.99
CA GLU C 72 13.51 5.10 19.81
C GLU C 72 14.54 4.67 20.84
N LEU C 73 14.11 4.46 22.08
CA LEU C 73 15.03 4.06 23.14
C LEU C 73 15.54 2.64 22.94
N LEU C 74 14.69 1.73 22.46
CA LEU C 74 15.00 0.31 22.42
C LEU C 74 15.07 -0.25 21.00
N LEU C 75 15.40 0.60 20.02
CA LEU C 75 15.60 0.15 18.64
C LEU C 75 16.52 -1.06 18.54
N SER C 76 17.77 -0.90 18.97
CA SER C 76 18.78 -1.95 18.87
C SER C 76 18.86 -2.50 17.44
N VAL C 77 18.99 -1.59 16.48
CA VAL C 77 18.98 -1.96 15.06
C VAL C 77 20.18 -2.77 14.65
N SER C 78 21.20 -2.90 15.50
CA SER C 78 22.44 -3.55 15.12
C SER C 78 22.27 -5.06 14.98
N GLY C 79 21.50 -5.49 13.99
CA GLY C 79 21.36 -6.91 13.69
C GLY C 79 20.72 -7.72 14.79
N VAL C 80 19.61 -7.22 15.36
CA VAL C 80 18.94 -7.97 16.42
C VAL C 80 17.97 -8.98 15.83
N GLY C 81 17.43 -8.73 14.64
CA GLY C 81 16.45 -9.62 14.04
C GLY C 81 15.04 -9.23 14.40
N PRO C 82 14.08 -9.59 13.55
CA PRO C 82 12.68 -9.25 13.84
C PRO C 82 12.11 -9.94 15.07
N LYS C 83 12.74 -11.02 15.54
CA LYS C 83 12.17 -11.78 16.64
C LYS C 83 12.11 -10.99 17.95
N VAL C 84 12.83 -9.88 18.03
CA VAL C 84 12.90 -9.08 19.26
C VAL C 84 12.15 -7.76 19.12
N ALA C 85 12.38 -7.04 18.02
CA ALA C 85 11.93 -5.66 17.91
C ALA C 85 10.41 -5.54 18.01
N LEU C 86 9.68 -6.57 17.60
CA LEU C 86 8.22 -6.47 17.61
C LEU C 86 7.67 -6.39 19.02
N ALA C 87 8.17 -7.22 19.93
CA ALA C 87 7.51 -7.36 21.23
C ALA C 87 8.41 -7.17 22.43
N LEU C 88 9.67 -7.63 22.36
CA LEU C 88 10.49 -7.69 23.56
C LEU C 88 11.06 -6.31 23.85
N LEU C 89 10.25 -5.42 24.42
CA LEU C 89 10.74 -4.11 24.84
C LEU C 89 10.53 -3.91 26.34
N SER C 90 9.31 -3.85 26.86
CA SER C 90 9.07 -3.41 28.27
C SER C 90 10.13 -3.83 29.30
N ALA C 91 11.31 -3.16 29.37
CA ALA C 91 12.31 -3.33 30.46
C ALA C 91 11.84 -2.55 31.67
N LEU C 92 10.78 -1.79 31.50
CA LEU C 92 10.08 -0.96 32.48
C LEU C 92 8.79 -1.65 32.89
N PRO C 93 8.30 -1.43 34.10
CA PRO C 93 6.96 -1.90 34.47
C PRO C 93 5.88 -0.83 34.35
N PRO C 94 5.61 -0.22 33.17
CA PRO C 94 4.45 0.67 33.11
C PRO C 94 3.17 -0.12 32.97
N ARG C 95 2.40 -0.22 34.06
CA ARG C 95 1.16 -0.97 34.05
C ARG C 95 -0.04 -0.12 33.61
N LEU C 96 0.00 1.19 33.86
CA LEU C 96 -1.06 2.08 33.41
C LEU C 96 -0.49 3.38 32.89
N LEU C 97 0.84 3.49 32.91
CA LEU C 97 1.57 4.66 32.45
C LEU C 97 1.33 5.88 33.33
N ALA C 98 0.61 5.69 34.44
CA ALA C 98 0.39 6.76 35.41
C ALA C 98 0.51 6.28 36.85
N ARG C 99 0.58 4.97 37.09
CA ARG C 99 0.66 4.42 38.43
C ARG C 99 2.09 4.11 38.86
N ALA C 100 2.91 3.55 37.97
CA ALA C 100 4.26 3.16 38.31
C ALA C 100 5.33 4.07 37.75
N LEU C 101 4.98 4.96 36.82
CA LEU C 101 5.96 5.86 36.22
C LEU C 101 6.05 7.16 37.01
N LEU C 102 7.13 7.92 36.75
CA LEU C 102 7.46 9.19 37.38
C LEU C 102 7.78 9.02 38.85
N GLU C 103 8.06 7.80 39.31
CA GLU C 103 8.40 7.56 40.72
C GLU C 103 9.91 7.73 40.94
N GLY C 104 10.38 8.95 40.69
CA GLY C 104 11.79 9.26 40.87
C GLY C 104 12.70 8.59 39.88
N ASP C 105 12.21 8.23 38.69
CA ASP C 105 12.94 7.56 37.62
C ASP C 105 13.42 6.18 38.00
N ALA C 106 13.02 5.64 39.16
CA ALA C 106 13.40 4.28 39.51
C ALA C 106 12.72 3.27 38.61
N ARG C 107 11.53 3.58 38.10
CA ARG C 107 10.83 2.75 37.13
C ARG C 107 10.99 3.28 35.71
N LEU C 108 12.08 4.01 35.45
CA LEU C 108 12.39 4.55 34.13
C LEU C 108 13.81 4.10 33.79
N LEU C 109 13.93 2.89 33.23
CA LEU C 109 15.21 2.31 32.83
C LEU C 109 16.21 2.28 33.99
N THR C 110 15.72 2.02 35.20
CA THR C 110 16.58 1.94 36.38
C THR C 110 16.52 0.59 37.07
N SER C 111 15.32 0.08 37.32
CA SER C 111 15.16 -1.22 38.00
C SER C 111 13.79 -1.78 37.65
N ALA C 112 13.76 -2.93 37.00
CA ALA C 112 12.52 -3.55 36.58
C ALA C 112 12.81 -4.99 36.19
N SER C 113 11.82 -5.65 35.58
CA SER C 113 11.96 -7.01 35.07
C SER C 113 12.65 -6.99 33.69
N GLY C 114 13.87 -6.49 33.69
CA GLY C 114 14.63 -6.36 32.46
C GLY C 114 16.06 -6.83 32.58
N VAL C 115 16.99 -6.13 31.94
CA VAL C 115 18.39 -6.52 31.93
C VAL C 115 19.28 -5.34 32.31
N GLY C 116 18.66 -4.22 32.70
CA GLY C 116 19.43 -3.04 33.03
C GLY C 116 20.07 -2.40 31.83
N ARG C 117 19.25 -1.81 30.95
CA ARG C 117 19.72 -1.30 29.67
C ARG C 117 20.81 -0.23 29.82
N ARG C 118 20.88 0.43 30.98
CA ARG C 118 21.95 1.40 31.29
C ARG C 118 21.88 2.62 30.38
N LEU C 119 20.66 3.09 30.12
CA LEU C 119 20.43 4.32 29.35
C LEU C 119 19.36 5.14 30.05
N ALA C 120 19.55 6.46 30.03
CA ALA C 120 18.64 7.40 30.69
C ALA C 120 18.98 8.80 30.19
N GLU C 121 18.41 9.81 30.85
CA GLU C 121 18.66 11.25 30.70
C GLU C 121 17.98 11.84 29.46
N ARG C 122 17.36 11.04 28.60
CA ARG C 122 16.67 11.55 27.43
C ARG C 122 15.16 11.53 27.58
N ILE C 123 14.57 10.38 27.88
CA ILE C 123 13.12 10.30 28.06
C ILE C 123 12.69 11.00 29.34
N ALA C 124 13.50 10.89 30.40
CA ALA C 124 13.15 11.50 31.67
C ALA C 124 13.02 13.01 31.55
N LEU C 125 14.00 13.65 30.90
CA LEU C 125 13.91 15.09 30.66
C LEU C 125 12.76 15.42 29.72
N GLU C 126 12.57 14.62 28.68
CA GLU C 126 11.48 14.83 27.73
C GLU C 126 10.11 14.57 28.37
N LEU C 127 10.07 13.80 29.45
CA LEU C 127 8.79 13.46 30.07
C LEU C 127 8.06 14.72 30.55
N LYS C 128 8.79 15.63 31.21
CA LYS C 128 8.24 16.92 31.65
C LYS C 128 7.02 16.76 32.56
N GLY C 129 6.95 15.63 33.27
CA GLY C 129 5.86 15.42 34.21
C GLY C 129 4.49 15.34 33.59
N LYS C 130 4.36 14.65 32.46
CA LYS C 130 3.08 14.45 31.79
C LYS C 130 2.44 13.11 32.14
N VAL C 131 3.06 12.36 33.04
CA VAL C 131 2.58 11.03 33.43
C VAL C 131 1.24 11.07 34.17
N PRO C 132 1.04 11.90 35.19
CA PRO C 132 -0.20 11.83 35.98
C PRO C 132 -1.46 12.07 35.16
N PRO C 133 -1.58 13.21 34.40
CA PRO C 133 -2.91 13.67 33.98
C PRO C 133 -3.76 12.65 33.22
N HIS C 134 -4.89 12.30 33.81
CA HIS C 134 -5.97 11.56 33.14
C HIS C 134 -5.50 10.23 32.55
N LEU C 135 -4.73 9.47 33.33
CA LEU C 135 -4.34 8.12 32.91
C LEU C 135 -4.33 7.16 34.09
N LEU C 136 -5.11 7.46 35.14
CA LEU C 136 -5.09 6.63 36.35
C LEU C 136 -5.66 5.25 36.10
N ALA C 137 -6.37 5.06 34.99
CA ALA C 137 -6.97 3.77 34.65
C ALA C 137 -6.64 3.43 33.21
N GLY C 138 -7.08 2.25 32.77
CA GLY C 138 -6.87 1.78 31.42
C GLY C 138 -8.15 1.74 30.61
N GLU C 139 -8.22 0.83 29.65
CA GLU C 139 -9.39 0.66 28.81
C GLU C 139 -9.54 -0.80 28.44
N LYS C 140 -10.79 -1.21 28.23
CA LYS C 140 -11.09 -2.57 27.82
C LYS C 140 -10.56 -2.86 26.42
N MET D 1 3.78 6.65 -8.55
CA MET D 1 2.79 5.80 -7.91
C MET D 1 1.77 6.65 -7.16
N ILE D 2 2.21 7.29 -6.09
CA ILE D 2 1.38 8.17 -5.30
C ILE D 2 1.77 9.61 -5.60
N ARG D 3 0.76 10.46 -5.78
CA ARG D 3 0.98 11.87 -6.04
C ARG D 3 -0.26 12.62 -5.58
N TYR D 4 -0.05 13.80 -4.99
CA TYR D 4 -1.13 14.66 -4.50
C TYR D 4 -1.92 13.97 -3.38
N LEU D 5 -1.24 13.64 -2.30
CA LEU D 5 -1.89 13.09 -1.12
C LEU D 5 -2.87 14.10 -0.52
N ARG D 6 -3.74 13.61 0.34
CA ARG D 6 -4.65 14.50 1.05
C ARG D 6 -5.28 13.75 2.21
N GLY D 7 -5.39 14.43 3.35
CA GLY D 7 -6.04 13.84 4.50
C GLY D 7 -6.10 14.73 5.73
N LEU D 8 -6.01 14.13 6.91
CA LEU D 8 -6.19 14.82 8.18
C LEU D 8 -4.82 15.21 8.75
N VAL D 9 -4.66 16.48 9.11
CA VAL D 9 -3.45 16.97 9.74
C VAL D 9 -3.83 17.82 10.95
N LEU D 10 -3.17 17.57 12.09
CA LEU D 10 -3.36 18.39 13.27
C LEU D 10 -2.09 18.64 14.07
N LYS D 11 -0.93 18.15 13.62
CA LYS D 11 0.29 18.17 14.41
C LYS D 11 1.40 18.86 13.64
N LYS D 12 2.28 19.53 14.39
CA LYS D 12 3.46 20.19 13.85
C LYS D 12 4.70 19.63 14.53
N GLU D 13 5.67 19.17 13.73
CA GLU D 13 6.92 18.64 14.25
C GLU D 13 8.08 19.28 13.49
N ALA D 14 9.22 19.37 14.18
CA ALA D 14 10.40 20.00 13.58
C ALA D 14 10.91 19.25 12.37
N GLY D 15 10.59 17.95 12.26
CA GLY D 15 10.97 17.19 11.09
C GLY D 15 9.89 17.18 10.02
N GLY D 16 8.63 17.23 10.45
CA GLY D 16 7.50 17.16 9.55
C GLY D 16 6.17 17.11 10.25
N PHE D 17 5.28 16.23 9.80
CA PHE D 17 3.95 16.07 10.37
C PHE D 17 3.37 14.75 9.87
N VAL D 18 2.12 14.47 10.23
CA VAL D 18 1.50 13.19 9.90
C VAL D 18 0.21 13.45 9.13
N LEU D 19 -0.29 12.39 8.51
CA LEU D 19 -1.47 12.50 7.66
C LEU D 19 -2.19 11.17 7.75
N LEU D 20 -3.35 11.13 8.42
CA LEU D 20 -3.98 9.87 8.82
C LEU D 20 -5.49 9.89 8.65
N ALA D 21 -6.00 10.56 7.61
CA ALA D 21 -7.46 10.65 7.46
C ALA D 21 -8.08 9.27 7.21
N GLY D 22 -7.51 8.50 6.30
CA GLY D 22 -8.05 7.20 5.98
C GLY D 22 -7.02 6.08 6.03
N GLY D 23 -7.24 5.12 6.92
CA GLY D 23 -6.34 3.98 7.00
C GLY D 23 -5.06 4.35 7.71
N VAL D 24 -3.93 4.07 7.06
CA VAL D 24 -2.64 4.34 7.69
C VAL D 24 -2.46 5.84 7.89
N GLY D 25 -1.46 6.19 8.69
CA GLY D 25 -1.12 7.58 8.91
C GLY D 25 0.15 7.96 8.20
N PHE D 26 0.04 8.66 7.09
CA PHE D 26 1.20 8.99 6.28
C PHE D 26 2.03 10.06 6.97
N PHE D 27 3.35 9.89 6.94
CA PHE D 27 4.29 10.85 7.50
C PHE D 27 4.74 11.79 6.39
N LEU D 28 4.52 13.08 6.57
CA LEU D 28 4.80 14.08 5.55
C LEU D 28 5.84 15.07 6.05
N GLN D 29 6.83 15.36 5.21
CA GLN D 29 7.90 16.31 5.54
C GLN D 29 7.86 17.44 4.51
N ALA D 30 7.28 18.56 4.90
CA ALA D 30 7.11 19.73 4.03
C ALA D 30 8.43 20.48 3.91
N PRO D 31 8.56 21.39 2.95
CA PRO D 31 9.78 22.20 2.83
C PRO D 31 9.80 23.29 3.89
N THR D 32 10.93 23.97 3.99
CA THR D 32 11.19 24.86 5.13
C THR D 32 10.18 26.00 5.27
N PRO D 33 9.88 26.79 4.23
CA PRO D 33 8.91 27.88 4.46
C PRO D 33 7.51 27.39 4.79
N PHE D 34 7.06 26.30 4.16
CA PHE D 34 5.77 25.72 4.48
C PHE D 34 5.76 25.20 5.92
N LEU D 35 6.78 24.42 6.27
CA LEU D 35 6.88 23.85 7.61
C LEU D 35 7.01 24.94 8.66
N GLN D 36 7.60 26.08 8.29
CA GLN D 36 7.69 27.22 9.21
C GLN D 36 6.32 27.88 9.28
N ALA D 37 5.47 27.32 10.15
CA ALA D 37 4.18 27.90 10.54
C ALA D 37 3.18 27.91 9.39
N LEU D 38 3.05 26.79 8.68
CA LEU D 38 1.84 26.52 7.89
C LEU D 38 1.32 25.15 8.30
N GLU D 39 0.17 25.12 8.96
CA GLU D 39 -0.28 23.91 9.64
C GLU D 39 -1.79 23.94 9.83
N GLU D 40 -2.34 22.74 10.04
CA GLU D 40 -3.69 22.50 10.54
C GLU D 40 -4.74 23.30 9.77
N GLY D 41 -4.88 22.95 8.49
CA GLY D 41 -6.08 23.25 7.74
C GLY D 41 -7.11 22.17 7.91
N LYS D 42 -8.20 22.28 7.16
CA LYS D 42 -9.17 21.19 7.15
C LYS D 42 -8.55 19.93 6.57
N GLU D 43 -7.95 20.04 5.38
CA GLU D 43 -7.18 18.98 4.75
C GLU D 43 -6.08 19.63 3.92
N VAL D 44 -4.91 19.01 3.90
CA VAL D 44 -3.75 19.53 3.20
C VAL D 44 -3.43 18.60 2.03
N GLY D 45 -3.06 19.19 0.90
CA GLY D 45 -2.71 18.43 -0.29
C GLY D 45 -1.26 18.68 -0.68
N VAL D 46 -0.48 17.61 -0.69
CA VAL D 46 0.96 17.71 -0.94
C VAL D 46 1.35 16.71 -2.02
N HIS D 47 2.29 17.11 -2.86
CA HIS D 47 2.84 16.26 -3.90
C HIS D 47 3.91 15.35 -3.29
N THR D 48 4.58 14.57 -4.14
CA THR D 48 5.68 13.73 -3.71
C THR D 48 6.26 13.02 -4.93
N HIS D 49 7.36 12.32 -4.70
CA HIS D 49 7.86 11.30 -5.62
C HIS D 49 7.88 9.92 -4.97
N LEU D 50 7.58 9.83 -3.67
CA LEU D 50 7.60 8.57 -2.93
C LEU D 50 8.97 7.91 -2.99
N LEU D 51 10.01 8.72 -2.75
CA LEU D 51 11.38 8.21 -2.76
C LEU D 51 11.64 7.43 -1.46
N LEU D 52 11.01 6.28 -1.32
CA LEU D 52 11.08 5.47 -0.11
C LEU D 52 12.13 4.38 -0.28
N LYS D 53 13.00 4.25 0.72
CA LYS D 53 14.06 3.25 0.72
C LYS D 53 14.04 2.50 2.06
N GLU D 54 14.96 1.56 2.21
CA GLU D 54 15.00 0.76 3.44
C GLU D 54 15.39 1.59 4.64
N GLU D 55 16.43 2.42 4.51
CA GLU D 55 16.90 3.22 5.63
C GLU D 55 15.93 4.35 5.95
N GLY D 56 15.47 5.07 4.92
CA GLY D 56 14.56 6.18 5.09
C GLY D 56 13.14 5.78 4.78
N LEU D 57 12.29 5.85 5.80
CA LEU D 57 10.89 5.43 5.71
C LEU D 57 9.96 6.62 5.86
N SER D 58 10.26 7.72 5.16
CA SER D 58 9.43 8.91 5.16
C SER D 58 9.14 9.35 3.73
N LEU D 59 8.03 10.05 3.56
CA LEU D 59 7.69 10.63 2.27
C LEU D 59 7.39 12.11 2.49
N TYR D 60 7.54 12.90 1.43
CA TYR D 60 7.62 14.34 1.54
C TYR D 60 6.35 15.00 1.02
N GLY D 61 6.30 16.32 1.17
CA GLY D 61 5.16 17.10 0.75
C GLY D 61 5.59 18.48 0.29
N PHE D 62 4.64 19.25 -0.22
CA PHE D 62 4.94 20.53 -0.83
C PHE D 62 3.68 21.39 -0.79
N PRO D 63 3.78 22.68 -1.12
CA PRO D 63 2.62 23.56 -1.01
C PRO D 63 1.37 23.01 -1.68
N ASP D 64 0.21 23.43 -1.15
CA ASP D 64 -1.08 22.87 -1.53
C ASP D 64 -1.52 23.25 -2.94
N GLU D 65 -0.82 24.15 -3.61
CA GLU D 65 -1.15 24.55 -4.97
C GLU D 65 0.03 24.21 -5.87
N GLU D 66 -0.04 23.06 -6.55
CA GLU D 66 1.02 22.61 -7.44
C GLU D 66 2.36 22.52 -6.72
N ASN D 67 3.42 22.99 -7.39
CA ASN D 67 4.79 23.12 -6.88
C ASN D 67 5.52 21.79 -6.73
N LEU D 68 5.07 20.71 -7.36
CA LEU D 68 5.96 19.56 -7.51
C LEU D 68 7.11 19.89 -8.44
N ALA D 69 6.94 20.92 -9.28
CA ALA D 69 8.09 21.46 -10.01
C ALA D 69 9.18 21.91 -9.06
N LEU D 70 8.80 22.33 -7.84
CA LEU D 70 9.82 22.67 -6.85
C LEU D 70 10.65 21.45 -6.48
N PHE D 71 10.01 20.29 -6.29
CA PHE D 71 10.78 19.08 -6.04
C PHE D 71 11.61 18.68 -7.25
N GLU D 72 11.05 18.86 -8.44
CA GLU D 72 11.81 18.55 -9.65
C GLU D 72 13.08 19.38 -9.73
N LEU D 73 12.98 20.67 -9.39
CA LEU D 73 14.14 21.56 -9.41
C LEU D 73 15.06 21.35 -8.20
N LEU D 74 14.53 20.82 -7.10
CA LEU D 74 15.28 20.65 -5.86
C LEU D 74 15.90 19.27 -5.73
N LEU D 75 15.58 18.34 -6.63
CA LEU D 75 16.13 16.98 -6.58
C LEU D 75 17.63 17.00 -6.38
N SER D 76 18.07 16.45 -5.25
CA SER D 76 19.47 16.40 -4.87
C SER D 76 19.85 14.97 -4.50
N VAL D 77 21.14 14.67 -4.57
CA VAL D 77 21.62 13.34 -4.25
C VAL D 77 21.43 13.09 -2.76
N SER D 78 20.66 12.05 -2.43
CA SER D 78 20.36 11.71 -1.05
C SER D 78 21.44 10.78 -0.52
N GLY D 79 22.40 11.35 0.22
CA GLY D 79 23.48 10.57 0.78
C GLY D 79 23.07 9.85 2.05
N VAL D 80 24.05 9.15 2.64
CA VAL D 80 23.80 8.42 3.87
C VAL D 80 23.46 9.39 5.00
N GLY D 81 24.19 10.51 5.08
CA GLY D 81 23.95 11.51 6.10
C GLY D 81 22.58 12.12 5.97
N PRO D 82 21.95 12.45 7.11
CA PRO D 82 20.60 13.01 7.07
C PRO D 82 20.58 14.50 6.80
N LYS D 83 19.39 15.09 6.81
CA LYS D 83 19.19 16.54 6.63
C LYS D 83 19.76 17.03 5.31
N VAL D 84 19.77 16.16 4.30
CA VAL D 84 20.13 16.54 2.94
C VAL D 84 18.97 16.16 2.03
N ALA D 85 18.62 17.07 1.11
CA ALA D 85 17.41 16.96 0.30
C ALA D 85 16.24 16.86 1.27
N LEU D 86 15.50 15.74 1.33
CA LEU D 86 14.44 15.53 2.31
C LEU D 86 13.39 16.64 2.25
N ALA D 87 13.14 17.17 1.05
CA ALA D 87 12.22 18.27 0.79
C ALA D 87 12.70 19.60 1.38
N LEU D 88 13.82 19.61 2.10
CA LEU D 88 14.32 20.83 2.71
C LEU D 88 15.17 21.59 1.69
N LEU D 89 15.92 22.59 2.17
CA LEU D 89 16.85 23.37 1.35
C LEU D 89 16.11 24.13 0.24
N SER D 90 15.14 24.94 0.66
CA SER D 90 14.39 25.80 -0.25
C SER D 90 15.21 27.05 -0.51
N ALA D 91 15.86 27.10 -1.68
CA ALA D 91 16.72 28.24 -2.00
C ALA D 91 15.93 29.53 -2.09
N LEU D 92 14.73 29.47 -2.66
CA LEU D 92 13.88 30.65 -2.75
C LEU D 92 13.45 31.09 -1.35
N PRO D 93 13.26 32.39 -1.14
CA PRO D 93 12.93 32.89 0.20
C PRO D 93 11.46 33.20 0.40
N PRO D 94 10.56 32.95 -0.56
CA PRO D 94 9.28 33.68 -0.54
C PRO D 94 8.41 33.26 0.64
N ARG D 95 7.69 34.23 1.20
CA ARG D 95 6.65 33.88 2.15
C ARG D 95 5.53 33.13 1.46
N LEU D 96 5.13 33.59 0.27
CA LEU D 96 4.21 32.86 -0.59
C LEU D 96 4.54 33.19 -2.04
N LEU D 97 3.86 32.47 -2.93
CA LEU D 97 4.09 32.62 -4.36
C LEU D 97 3.79 34.04 -4.82
N ALA D 98 2.55 34.48 -4.63
CA ALA D 98 2.18 35.83 -5.05
C ALA D 98 2.91 36.90 -4.24
N ARG D 99 3.34 36.56 -3.02
CA ARG D 99 4.03 37.55 -2.20
C ARG D 99 5.42 37.85 -2.74
N ALA D 100 6.20 36.81 -3.09
CA ALA D 100 7.60 37.09 -3.39
C ALA D 100 8.14 36.31 -4.59
N LEU D 101 7.31 35.99 -5.58
CA LEU D 101 7.87 35.60 -6.86
C LEU D 101 7.02 36.12 -8.02
N LEU D 102 6.29 37.20 -7.79
CA LEU D 102 5.49 37.85 -8.83
C LEU D 102 6.35 38.87 -9.57
N GLU D 103 5.68 39.78 -10.29
CA GLU D 103 6.34 40.82 -11.09
C GLU D 103 7.18 40.19 -12.21
N GLY D 104 6.54 39.34 -12.99
CA GLY D 104 7.20 38.65 -14.08
C GLY D 104 7.49 37.20 -13.75
N ASP D 105 7.76 36.42 -14.79
CA ASP D 105 8.05 35.00 -14.64
C ASP D 105 9.53 34.69 -14.55
N ALA D 106 10.40 35.72 -14.56
CA ALA D 106 11.83 35.54 -14.36
C ALA D 106 12.27 35.86 -12.95
N ARG D 107 11.65 36.87 -12.31
CA ARG D 107 11.98 37.25 -10.95
C ARG D 107 11.82 36.09 -9.98
N LEU D 108 10.95 35.12 -10.30
CA LEU D 108 10.71 34.00 -9.39
C LEU D 108 11.97 33.18 -9.18
N LEU D 109 12.80 33.03 -10.22
CA LEU D 109 14.00 32.22 -10.12
C LEU D 109 15.18 32.89 -10.81
N THR D 110 15.30 34.21 -10.69
CA THR D 110 16.49 34.91 -11.14
C THR D 110 17.12 35.67 -9.98
N SER D 111 18.44 35.55 -9.86
CA SER D 111 19.24 36.33 -8.90
C SER D 111 18.64 36.28 -7.49
N ALA D 112 18.23 35.08 -7.07
CA ALA D 112 17.59 34.93 -5.77
C ALA D 112 18.59 35.05 -4.63
N SER D 113 19.55 34.13 -4.56
CA SER D 113 20.57 34.12 -3.53
C SER D 113 21.61 33.07 -3.92
N GLY D 114 22.76 33.14 -3.25
CA GLY D 114 23.80 32.14 -3.44
C GLY D 114 24.42 32.15 -4.83
N VAL D 115 24.13 31.12 -5.62
CA VAL D 115 24.70 31.02 -6.96
C VAL D 115 24.22 32.17 -7.84
N GLY D 116 22.93 32.45 -7.80
CA GLY D 116 22.38 33.55 -8.56
C GLY D 116 22.26 33.31 -10.05
N ARG D 117 22.19 32.05 -10.48
CA ARG D 117 22.07 31.72 -11.90
C ARG D 117 20.60 31.66 -12.30
N ARG D 118 20.28 32.28 -13.43
CA ARG D 118 18.90 32.32 -13.91
C ARG D 118 18.50 30.98 -14.51
N LEU D 119 17.31 30.51 -14.14
CA LEU D 119 16.77 29.25 -14.64
C LEU D 119 15.30 29.39 -15.00
N ALA D 120 14.89 30.57 -15.47
CA ALA D 120 13.47 30.83 -15.69
C ALA D 120 12.92 30.00 -16.85
N GLU D 121 13.74 29.75 -17.87
CA GLU D 121 13.26 29.11 -19.10
C GLU D 121 12.69 27.72 -18.85
N ARG D 122 13.02 27.09 -17.72
CA ARG D 122 12.50 25.77 -17.39
C ARG D 122 11.24 25.81 -16.55
N ILE D 123 11.08 26.81 -15.69
CA ILE D 123 10.03 26.80 -14.68
C ILE D 123 8.93 27.82 -14.92
N ALA D 124 9.20 28.90 -15.67
CA ALA D 124 8.26 30.00 -15.80
C ALA D 124 6.96 29.61 -16.50
N LEU D 125 6.90 28.45 -17.15
CA LEU D 125 5.76 28.10 -17.98
C LEU D 125 4.55 27.63 -17.19
N GLU D 126 4.69 27.34 -15.90
CA GLU D 126 3.65 26.63 -15.16
C GLU D 126 2.74 27.54 -14.34
N LEU D 127 3.31 28.31 -13.41
CA LEU D 127 2.53 29.03 -12.42
C LEU D 127 2.22 30.47 -12.80
N LYS D 128 2.61 30.91 -13.99
CA LYS D 128 2.44 32.31 -14.36
C LYS D 128 0.96 32.71 -14.39
N GLY D 129 0.10 31.83 -14.89
CA GLY D 129 -1.31 32.12 -15.00
C GLY D 129 -2.16 31.76 -13.80
N LYS D 130 -1.53 31.31 -12.70
CA LYS D 130 -2.28 30.90 -11.52
C LYS D 130 -1.77 31.46 -10.21
N VAL D 131 -0.53 31.95 -10.15
CA VAL D 131 -0.03 32.54 -8.89
C VAL D 131 -0.85 33.76 -8.46
N PRO D 132 -1.11 34.75 -9.29
CA PRO D 132 -1.95 35.87 -8.85
C PRO D 132 -3.42 35.54 -8.99
N PRO D 133 -4.30 36.21 -8.22
CA PRO D 133 -4.01 37.17 -7.16
C PRO D 133 -4.09 36.56 -5.77
N HIS D 134 -4.42 35.28 -5.67
CA HIS D 134 -4.60 34.63 -4.38
C HIS D 134 -3.25 34.30 -3.76
N LEU D 135 -3.29 33.60 -2.63
CA LEU D 135 -2.09 33.17 -1.89
C LEU D 135 -1.25 34.38 -1.50
N LEU D 136 -1.84 35.28 -0.71
CA LEU D 136 -1.15 36.45 -0.20
C LEU D 136 -0.70 36.33 1.24
N ALA D 137 -1.30 35.41 2.01
CA ALA D 137 -0.93 35.23 3.40
C ALA D 137 -1.08 33.75 3.76
N GLY D 138 -0.35 33.33 4.78
CA GLY D 138 -0.36 31.94 5.19
C GLY D 138 -1.68 31.49 5.76
N GLU D 139 -1.87 30.17 5.78
CA GLU D 139 -3.10 29.56 6.28
C GLU D 139 -2.85 29.00 7.67
N LYS D 140 -3.71 29.38 8.61
CA LYS D 140 -3.59 28.92 9.99
C LYS D 140 -4.56 27.77 10.26
#